data_6N79
#
_entry.id   6N79
#
_cell.length_a   44.830
_cell.length_b   169.910
_cell.length_c   42.710
_cell.angle_alpha   90.00
_cell.angle_beta   90.00
_cell.angle_gamma   90.00
#
_symmetry.space_group_name_H-M   'P 2 21 21'
#
loop_
_entity.id
_entity.type
_entity.pdbx_description
1 polymer 'Tyrosine-protein kinase JAK1'
2 non-polymer N-{5-[5-chloro-2-(difluoromethoxy)phenyl]-1H-pyrazol-4-yl}pyrazolo[1,5-a]pyrimidine-3-carboxamide
3 non-polymer GLYCEROL
4 water water
#
_entity_poly.entity_id   1
_entity_poly.type   'polypeptide(L)'
_entity_poly.pdbx_seq_one_letter_code
;GDIVSEKKPATEVDPTHFEKRFLKRIRDLGEGHFGKVELCRYDPEGDNTGEQVAVKSLKPESGGNHIADLKKEIEILRNL
YHENIVKYKGICTEDGGNGIKLIMEFLPSGSLKEYLPKNKNKINLKQQLKYAVQICKGMDYLGSRQYVHRDLAARNVLVE
SEHQVKIGDFGLTKAIETDKE(PTR)(PTR)TVKDDRDSPVFWYAPECLMQSKFYIASDVWSFGVTLHELLTYCDSDSSP
MALFLKMIGPTHGQMTVTRLVNTLKEGKRLPCPPNCPDEVYQLMRKCWEFQPSNRTSFQNLIEGFEALLK
;
_entity_poly.pdbx_strand_id   A
#
# COMPACT_ATOMS: atom_id res chain seq x y z
N ASP A 14 19.60 17.91 -16.59
CA ASP A 14 18.39 17.51 -15.85
C ASP A 14 18.72 16.48 -14.75
N PRO A 15 18.60 16.87 -13.45
CA PRO A 15 18.90 15.90 -12.37
C PRO A 15 17.88 14.77 -12.21
N THR A 16 16.74 14.88 -12.90
CA THR A 16 15.68 13.86 -12.89
C THR A 16 15.89 12.86 -14.03
N HIS A 17 16.87 13.13 -14.91
CA HIS A 17 17.21 12.20 -15.99
C HIS A 17 18.40 11.33 -15.53
N PHE A 18 18.22 10.01 -15.56
CA PHE A 18 19.28 9.08 -15.18
C PHE A 18 19.69 8.30 -16.41
N GLU A 19 21.01 8.16 -16.66
CA GLU A 19 21.52 7.36 -17.76
C GLU A 19 21.66 5.93 -17.26
N LYS A 20 21.22 4.98 -18.11
CA LYS A 20 21.23 3.53 -17.86
C LYS A 20 22.65 2.97 -17.55
N ARG A 21 23.66 3.49 -18.25
CA ARG A 21 25.08 3.11 -18.17
C ARG A 21 25.70 3.31 -16.76
N PHE A 22 25.23 4.32 -16.01
CA PHE A 22 25.70 4.59 -14.64
C PHE A 22 24.86 3.87 -13.53
N LEU A 23 23.63 3.40 -13.86
CA LEU A 23 22.72 2.69 -12.95
C LEU A 23 23.24 1.25 -12.72
N LYS A 24 23.86 1.05 -11.56
CA LYS A 24 24.51 -0.20 -11.21
C LYS A 24 23.70 -0.99 -10.21
N ARG A 25 23.10 -2.06 -10.69
CA ARG A 25 22.28 -2.99 -9.94
C ARG A 25 23.11 -3.65 -8.81
N ILE A 26 22.58 -3.56 -7.58
CA ILE A 26 23.17 -4.11 -6.37
C ILE A 26 22.44 -5.39 -6.00
N ARG A 27 21.11 -5.35 -5.93
CA ARG A 27 20.28 -6.51 -5.59
C ARG A 27 18.81 -6.25 -5.88
N ASP A 28 17.99 -7.32 -5.77
CA ASP A 28 16.54 -7.26 -5.93
C ASP A 28 15.94 -6.86 -4.57
N LEU A 29 14.93 -5.97 -4.57
CA LEU A 29 14.26 -5.53 -3.32
C LEU A 29 12.88 -6.17 -3.22
N GLY A 30 12.12 -6.08 -4.29
CA GLY A 30 10.79 -6.68 -4.31
C GLY A 30 10.25 -6.90 -5.69
N GLU A 31 9.30 -7.82 -5.79
CA GLU A 31 8.72 -8.22 -7.06
C GLU A 31 7.21 -8.45 -7.03
N GLY A 32 6.52 -7.84 -8.00
CA GLY A 32 5.11 -8.05 -8.24
C GLY A 32 4.98 -9.02 -9.40
N HIS A 33 3.80 -9.02 -10.05
CA HIS A 33 3.57 -9.85 -11.21
C HIS A 33 4.24 -9.20 -12.44
N PHE A 34 3.97 -7.89 -12.69
CA PHE A 34 4.55 -7.19 -13.84
C PHE A 34 5.70 -6.26 -13.49
N GLY A 35 5.70 -5.74 -12.27
CA GLY A 35 6.72 -4.81 -11.77
C GLY A 35 7.80 -5.45 -10.94
N LYS A 36 8.95 -4.80 -10.90
CA LYS A 36 10.12 -5.23 -10.14
C LYS A 36 10.85 -4.00 -9.59
N VAL A 37 11.26 -4.08 -8.32
CA VAL A 37 12.02 -3.04 -7.63
C VAL A 37 13.39 -3.58 -7.25
N GLU A 38 14.43 -2.86 -7.68
CA GLU A 38 15.82 -3.21 -7.39
C GLU A 38 16.59 -2.08 -6.73
N LEU A 39 17.61 -2.45 -5.93
CA LEU A 39 18.52 -1.48 -5.36
C LEU A 39 19.66 -1.30 -6.40
N CYS A 40 19.88 -0.05 -6.79
CA CYS A 40 20.92 0.34 -7.73
C CYS A 40 21.69 1.50 -7.10
N ARG A 41 22.91 1.75 -7.60
CA ARG A 41 23.73 2.87 -7.25
C ARG A 41 23.87 3.69 -8.52
N TYR A 42 23.46 4.96 -8.51
CA TYR A 42 23.67 5.79 -9.70
C TYR A 42 25.10 6.28 -9.57
N ASP A 43 26.02 5.69 -10.34
CA ASP A 43 27.45 5.94 -10.22
C ASP A 43 28.10 6.56 -11.48
N PRO A 44 27.95 7.88 -11.73
CA PRO A 44 28.62 8.49 -12.88
C PRO A 44 30.16 8.49 -12.82
N GLU A 45 30.73 8.51 -11.60
CA GLU A 45 32.18 8.55 -11.39
C GLU A 45 32.89 7.18 -11.53
N GLY A 46 32.12 6.08 -11.43
CA GLY A 46 32.63 4.72 -11.58
C GLY A 46 33.37 4.14 -10.39
N ASP A 47 33.62 4.95 -9.35
CA ASP A 47 34.36 4.54 -8.14
C ASP A 47 33.48 3.99 -7.00
N ASN A 48 32.21 3.68 -7.29
CA ASN A 48 31.18 3.15 -6.38
C ASN A 48 30.87 4.09 -5.20
N THR A 49 30.84 5.39 -5.48
CA THR A 49 30.53 6.40 -4.46
C THR A 49 29.16 7.09 -4.68
N GLY A 50 28.48 6.78 -5.78
CA GLY A 50 27.18 7.35 -6.11
C GLY A 50 26.08 7.04 -5.12
N GLU A 51 24.97 7.80 -5.20
CA GLU A 51 23.87 7.54 -4.27
C GLU A 51 23.06 6.30 -4.66
N GLN A 52 22.65 5.57 -3.62
CA GLN A 52 21.81 4.39 -3.76
C GLN A 52 20.39 4.89 -4.09
N VAL A 53 19.73 4.21 -5.02
CA VAL A 53 18.37 4.50 -5.46
C VAL A 53 17.61 3.20 -5.61
N ALA A 54 16.27 3.28 -5.45
CA ALA A 54 15.34 2.19 -5.68
C ALA A 54 14.83 2.39 -7.10
N VAL A 55 14.94 1.34 -7.94
CA VAL A 55 14.57 1.38 -9.36
C VAL A 55 13.38 0.42 -9.69
N LYS A 56 12.30 0.97 -10.24
CA LYS A 56 11.17 0.16 -10.65
C LYS A 56 11.16 -0.03 -12.15
N SER A 57 11.24 -1.30 -12.57
CA SER A 57 11.21 -1.68 -13.98
C SER A 57 10.11 -2.73 -14.19
N LEU A 58 9.63 -2.83 -15.44
CA LEU A 58 8.69 -3.87 -15.78
C LEU A 58 9.50 -5.08 -16.22
N LYS A 59 8.98 -6.28 -15.93
CA LYS A 59 9.55 -7.58 -16.29
C LYS A 59 9.26 -7.83 -17.77
N PRO A 60 10.20 -8.35 -18.58
CA PRO A 60 9.89 -8.55 -20.01
C PRO A 60 9.19 -9.87 -20.33
N ASN A 65 2.28 -6.10 -22.34
CA ASN A 65 2.86 -4.76 -22.36
C ASN A 65 2.15 -3.82 -21.36
N HIS A 66 2.85 -3.43 -20.28
CA HIS A 66 2.31 -2.56 -19.22
C HIS A 66 3.05 -1.19 -19.16
N ILE A 67 3.81 -0.89 -20.24
CA ILE A 67 4.62 0.32 -20.39
C ILE A 67 3.79 1.59 -20.20
N ALA A 68 2.54 1.58 -20.69
CA ALA A 68 1.58 2.69 -20.60
C ALA A 68 1.15 3.01 -19.17
N ASP A 69 0.94 1.98 -18.34
CA ASP A 69 0.51 2.12 -16.95
C ASP A 69 1.65 2.64 -16.08
N LEU A 70 2.89 2.22 -16.36
CA LEU A 70 4.09 2.63 -15.62
C LEU A 70 4.36 4.11 -15.88
N LYS A 71 4.28 4.52 -17.16
CA LYS A 71 4.42 5.90 -17.59
C LYS A 71 3.39 6.77 -16.85
N LYS A 72 2.15 6.33 -16.75
CA LYS A 72 1.12 7.07 -16.02
C LYS A 72 1.47 7.16 -14.53
N GLU A 73 1.94 6.03 -13.92
CA GLU A 73 2.35 5.90 -12.51
C GLU A 73 3.54 6.83 -12.20
N ILE A 74 4.50 6.93 -13.13
CA ILE A 74 5.68 7.81 -13.06
C ILE A 74 5.20 9.26 -12.98
N GLU A 75 4.13 9.60 -13.76
CA GLU A 75 3.62 10.95 -13.76
C GLU A 75 2.81 11.24 -12.51
N ILE A 76 2.12 10.25 -11.94
CA ILE A 76 1.35 10.47 -10.71
C ILE A 76 2.35 10.77 -9.59
N LEU A 77 3.35 9.88 -9.40
CA LEU A 77 4.39 10.01 -8.38
C LEU A 77 5.20 11.31 -8.48
N ARG A 78 5.55 11.71 -9.72
CA ARG A 78 6.33 12.92 -9.97
C ARG A 78 5.68 14.16 -9.34
N ASN A 79 4.34 14.25 -9.40
CA ASN A 79 3.58 15.37 -8.86
C ASN A 79 3.00 15.12 -7.47
N LEU A 80 3.50 14.11 -6.75
CA LEU A 80 3.08 13.87 -5.37
C LEU A 80 4.24 14.27 -4.50
N TYR A 81 3.99 15.21 -3.58
CA TYR A 81 4.98 15.77 -2.68
C TYR A 81 4.42 15.70 -1.27
N HIS A 82 4.87 14.70 -0.49
CA HIS A 82 4.41 14.46 0.88
C HIS A 82 5.43 13.62 1.63
N GLU A 83 5.65 13.94 2.93
CA GLU A 83 6.59 13.19 3.77
C GLU A 83 6.17 11.71 3.98
N ASN A 84 4.87 11.41 3.79
CA ASN A 84 4.39 10.04 3.94
C ASN A 84 4.13 9.36 2.59
N ILE A 85 4.85 9.84 1.56
CA ILE A 85 4.83 9.28 0.22
C ILE A 85 6.30 9.24 -0.28
N VAL A 86 6.78 8.05 -0.75
CA VAL A 86 8.13 7.84 -1.30
C VAL A 86 8.45 8.93 -2.33
N LYS A 87 9.62 9.56 -2.20
CA LYS A 87 10.06 10.61 -3.10
C LYS A 87 10.42 10.08 -4.49
N TYR A 88 9.86 10.71 -5.52
CA TYR A 88 10.19 10.47 -6.92
C TYR A 88 11.56 11.16 -7.13
N LYS A 89 12.53 10.45 -7.71
CA LYS A 89 13.86 10.97 -8.02
C LYS A 89 14.09 11.23 -9.52
N GLY A 90 13.45 10.45 -10.37
CA GLY A 90 13.57 10.62 -11.81
C GLY A 90 13.19 9.43 -12.65
N ILE A 91 13.68 9.44 -13.90
CA ILE A 91 13.45 8.38 -14.87
C ILE A 91 14.72 7.94 -15.57
N CYS A 92 14.61 6.83 -16.29
CA CYS A 92 15.68 6.22 -17.05
C CYS A 92 14.99 5.68 -18.32
N THR A 93 15.30 6.28 -19.50
CA THR A 93 14.66 5.92 -20.78
C THR A 93 15.57 5.08 -21.72
N GLU A 94 15.21 5.04 -23.04
CA GLU A 94 15.92 4.31 -24.10
C GLU A 94 17.19 5.09 -24.47
N GLY A 99 9.94 1.95 -23.23
CA GLY A 99 11.23 1.76 -22.56
C GLY A 99 11.51 2.80 -21.48
N ILE A 100 11.03 2.56 -20.24
CA ILE A 100 11.23 3.50 -19.11
C ILE A 100 11.40 2.76 -17.75
N LYS A 101 12.17 3.36 -16.80
CA LYS A 101 12.42 2.85 -15.44
C LYS A 101 12.19 4.00 -14.47
N LEU A 102 11.48 3.75 -13.34
CA LEU A 102 11.14 4.76 -12.34
C LEU A 102 12.20 4.80 -11.26
N ILE A 103 12.80 6.00 -11.09
CA ILE A 103 13.85 6.24 -10.12
C ILE A 103 13.26 6.94 -8.90
N MET A 104 13.47 6.31 -7.73
CA MET A 104 12.96 6.79 -6.45
C MET A 104 14.09 6.74 -5.42
N GLU A 105 13.86 7.37 -4.25
CA GLU A 105 14.79 7.28 -3.12
C GLU A 105 14.73 5.87 -2.55
N PHE A 106 15.86 5.40 -2.00
CA PHE A 106 15.93 4.07 -1.42
C PHE A 106 15.68 4.07 0.09
N LEU A 107 14.69 3.26 0.55
CA LEU A 107 14.34 3.11 1.98
C LEU A 107 14.84 1.72 2.42
N PRO A 108 16.02 1.67 3.09
CA PRO A 108 16.63 0.36 3.41
C PRO A 108 15.86 -0.60 4.35
N SER A 109 14.88 -0.12 5.13
CA SER A 109 14.19 -1.04 6.03
C SER A 109 13.09 -1.87 5.34
N GLY A 110 12.90 -1.66 4.04
CA GLY A 110 11.94 -2.36 3.18
C GLY A 110 10.48 -2.08 3.51
N SER A 111 9.58 -2.99 3.14
CA SER A 111 8.16 -2.85 3.44
C SER A 111 7.80 -3.25 4.89
N LEU A 112 6.56 -2.89 5.35
CA LEU A 112 6.04 -3.25 6.67
C LEU A 112 5.86 -4.76 6.71
N LYS A 113 5.47 -5.35 5.56
CA LYS A 113 5.26 -6.78 5.42
C LYS A 113 6.54 -7.58 5.80
N GLU A 114 7.71 -7.01 5.50
CA GLU A 114 9.02 -7.60 5.75
C GLU A 114 9.65 -7.15 7.05
N TYR A 115 9.43 -5.88 7.41
CA TYR A 115 10.01 -5.22 8.57
C TYR A 115 9.34 -5.58 9.90
N LEU A 116 8.00 -5.56 9.97
CA LEU A 116 7.31 -5.83 11.23
C LEU A 116 7.61 -7.21 11.89
N PRO A 117 7.63 -8.36 11.16
CA PRO A 117 7.92 -9.64 11.85
C PRO A 117 9.30 -9.77 12.51
N LYS A 118 10.25 -9.02 12.02
CA LYS A 118 11.65 -9.02 12.49
C LYS A 118 11.91 -7.87 13.48
N ASN A 119 10.87 -7.09 13.84
CA ASN A 119 11.08 -5.93 14.71
C ASN A 119 10.04 -5.77 15.78
N LYS A 120 9.40 -6.89 16.21
CA LYS A 120 8.38 -6.91 17.26
C LYS A 120 8.85 -6.26 18.57
N ASN A 121 10.11 -6.50 18.96
CA ASN A 121 10.74 -5.92 20.16
C ASN A 121 10.87 -4.41 20.02
N LYS A 122 11.18 -3.92 18.80
CA LYS A 122 11.32 -2.50 18.47
C LYS A 122 9.99 -1.72 18.36
N ILE A 123 8.97 -2.29 17.70
CA ILE A 123 7.70 -1.61 17.45
C ILE A 123 6.61 -2.00 18.43
N ASN A 124 6.11 -1.05 19.21
CA ASN A 124 5.03 -1.26 20.17
C ASN A 124 3.72 -0.63 19.65
N LEU A 125 2.64 -0.72 20.42
CA LEU A 125 1.33 -0.20 20.04
C LEU A 125 1.36 1.30 19.72
N LYS A 126 1.97 2.11 20.60
CA LYS A 126 2.08 3.54 20.37
C LYS A 126 2.70 3.79 18.98
N GLN A 127 3.84 3.13 18.69
CA GLN A 127 4.49 3.20 17.39
C GLN A 127 3.61 2.70 16.25
N GLN A 128 2.84 1.59 16.46
CA GLN A 128 1.92 1.04 15.42
C GLN A 128 0.85 2.06 15.05
N LEU A 129 0.31 2.77 16.04
CA LEU A 129 -0.71 3.81 15.89
C LEU A 129 -0.17 5.05 15.24
N LYS A 130 1.13 5.32 15.43
CA LYS A 130 1.77 6.49 14.83
C LYS A 130 1.96 6.25 13.36
N TYR A 131 2.30 4.99 12.98
CA TYR A 131 2.43 4.49 11.62
C TYR A 131 1.06 4.61 10.94
N ALA A 132 0.00 4.19 11.66
CA ALA A 132 -1.40 4.24 11.27
C ALA A 132 -1.83 5.66 10.82
N VAL A 133 -1.38 6.71 11.55
CA VAL A 133 -1.60 8.14 11.30
C VAL A 133 -0.89 8.53 10.01
N GLN A 134 0.40 8.20 9.93
CA GLN A 134 1.27 8.50 8.77
C GLN A 134 0.74 7.92 7.51
N ILE A 135 0.29 6.65 7.53
CA ILE A 135 -0.34 6.02 6.36
C ILE A 135 -1.60 6.85 6.01
N CYS A 136 -2.45 7.16 7.03
CA CYS A 136 -3.69 7.95 6.86
C CYS A 136 -3.45 9.30 6.21
N LYS A 137 -2.41 10.01 6.67
CA LYS A 137 -2.01 11.34 6.20
C LYS A 137 -1.58 11.30 4.75
N GLY A 138 -0.76 10.31 4.38
CA GLY A 138 -0.25 10.08 3.03
C GLY A 138 -1.37 9.71 2.08
N MET A 139 -2.30 8.88 2.58
CA MET A 139 -3.50 8.48 1.83
C MET A 139 -4.44 9.67 1.63
N ASP A 140 -4.63 10.51 2.70
CA ASP A 140 -5.50 11.70 2.60
C ASP A 140 -4.95 12.77 1.65
N TYR A 141 -3.64 12.81 1.43
CA TYR A 141 -3.02 13.74 0.49
C TYR A 141 -3.28 13.27 -0.93
N LEU A 142 -3.21 11.93 -1.16
CA LEU A 142 -3.45 11.25 -2.43
C LEU A 142 -4.90 11.49 -2.93
N GLY A 143 -5.88 11.30 -2.03
CA GLY A 143 -7.30 11.50 -2.28
C GLY A 143 -7.65 12.94 -2.61
N SER A 144 -7.00 13.90 -1.90
CA SER A 144 -7.18 15.34 -2.11
C SER A 144 -6.65 15.78 -3.47
N ARG A 145 -5.77 14.97 -4.05
CA ARG A 145 -5.22 15.18 -5.39
C ARG A 145 -6.01 14.38 -6.44
N GLN A 146 -7.22 13.90 -6.05
CA GLN A 146 -8.21 13.16 -6.84
C GLN A 146 -7.65 11.84 -7.39
N TYR A 147 -7.11 11.02 -6.49
CA TYR A 147 -6.56 9.72 -6.84
C TYR A 147 -7.04 8.62 -5.96
N VAL A 148 -7.26 7.46 -6.60
CA VAL A 148 -7.58 6.23 -5.90
C VAL A 148 -6.43 5.30 -6.05
N HIS A 149 -6.00 4.78 -4.92
CA HIS A 149 -4.83 3.89 -4.80
C HIS A 149 -5.12 2.47 -5.33
N ARG A 150 -6.18 1.82 -4.84
CA ARG A 150 -6.64 0.48 -5.24
C ARG A 150 -5.71 -0.71 -4.86
N ASP A 151 -4.63 -0.47 -4.10
CA ASP A 151 -3.65 -1.51 -3.73
C ASP A 151 -3.05 -1.16 -2.35
N LEU A 152 -3.89 -0.66 -1.41
CA LEU A 152 -3.39 -0.28 -0.11
C LEU A 152 -3.29 -1.48 0.84
N ALA A 153 -2.05 -1.97 1.04
CA ALA A 153 -1.68 -3.12 1.86
C ALA A 153 -0.31 -2.86 2.46
N ALA A 154 0.07 -3.55 3.56
CA ALA A 154 1.38 -3.38 4.21
C ALA A 154 2.57 -3.58 3.28
N ARG A 155 2.45 -4.51 2.31
CA ARG A 155 3.49 -4.77 1.30
C ARG A 155 3.80 -3.53 0.40
N ASN A 156 2.93 -2.53 0.39
CA ASN A 156 3.09 -1.30 -0.37
C ASN A 156 3.43 -0.12 0.51
N VAL A 157 3.63 -0.38 1.79
CA VAL A 157 4.05 0.63 2.78
C VAL A 157 5.54 0.41 3.07
N LEU A 158 6.36 1.44 2.86
CA LEU A 158 7.79 1.39 3.12
C LEU A 158 8.21 1.97 4.47
N VAL A 159 9.25 1.37 5.09
CA VAL A 159 9.78 1.79 6.38
C VAL A 159 11.01 2.69 6.19
N GLU A 160 10.89 3.98 6.57
CA GLU A 160 11.95 5.00 6.50
C GLU A 160 12.92 4.78 7.65
N SER A 161 12.36 4.61 8.83
CA SER A 161 13.02 4.36 10.10
C SER A 161 11.97 3.76 11.02
N GLU A 162 12.34 3.60 12.30
CA GLU A 162 11.52 3.06 13.40
C GLU A 162 10.40 4.07 13.75
N HIS A 163 10.45 5.30 13.20
CA HIS A 163 9.45 6.32 13.48
C HIS A 163 8.65 6.76 12.25
N GLN A 164 9.13 6.49 11.03
CA GLN A 164 8.39 6.96 9.87
C GLN A 164 8.13 5.92 8.75
N VAL A 165 6.87 5.89 8.27
CA VAL A 165 6.46 5.06 7.14
C VAL A 165 6.05 5.96 5.97
N LYS A 166 6.08 5.41 4.77
CA LYS A 166 5.71 6.13 3.54
C LYS A 166 5.03 5.15 2.59
N ILE A 167 4.04 5.64 1.79
CA ILE A 167 3.36 4.83 0.76
C ILE A 167 4.43 4.69 -0.30
N GLY A 168 4.82 3.44 -0.58
CA GLY A 168 5.91 3.11 -1.50
C GLY A 168 5.54 2.69 -2.90
N ASP A 169 4.28 2.34 -3.15
CA ASP A 169 3.94 1.92 -4.49
C ASP A 169 2.65 2.56 -5.00
N PHE A 170 2.58 2.79 -6.33
CA PHE A 170 1.41 3.41 -6.94
C PHE A 170 1.00 2.77 -8.27
N GLY A 171 1.36 1.49 -8.45
CA GLY A 171 1.09 0.74 -9.68
C GLY A 171 -0.36 0.68 -10.14
N LEU A 172 -1.31 0.69 -9.20
CA LEU A 172 -2.74 0.60 -9.51
C LEU A 172 -3.45 1.94 -9.46
N THR A 173 -2.78 2.98 -8.96
CA THR A 173 -3.31 4.35 -8.79
C THR A 173 -3.94 4.90 -10.08
N LYS A 174 -5.17 5.43 -9.93
CA LYS A 174 -6.00 6.00 -11.01
C LYS A 174 -6.68 7.32 -10.54
N ALA A 175 -6.86 8.26 -11.48
CA ALA A 175 -7.55 9.53 -11.22
C ALA A 175 -9.10 9.39 -11.26
N ILE A 176 -9.78 9.88 -10.20
CA ILE A 176 -11.24 9.95 -10.12
C ILE A 176 -11.62 11.25 -10.86
N GLU A 177 -12.60 11.17 -11.78
CA GLU A 177 -13.05 12.33 -12.56
C GLU A 177 -13.79 13.40 -11.73
N LYS A 180 -17.61 13.21 -10.26
CA LYS A 180 -17.61 11.76 -10.03
C LYS A 180 -17.04 11.40 -8.66
N GLU A 181 -17.62 10.37 -8.03
CA GLU A 181 -17.19 9.87 -6.72
C GLU A 181 -16.20 8.72 -6.89
N THR A 184 -14.19 3.52 -12.71
CA THR A 184 -14.53 2.12 -12.97
C THR A 184 -13.38 1.44 -13.70
N VAL A 185 -12.90 0.35 -13.09
CA VAL A 185 -11.81 -0.47 -13.56
C VAL A 185 -12.27 -1.51 -14.56
N LYS A 186 -11.50 -1.67 -15.64
CA LYS A 186 -11.73 -2.61 -16.72
C LYS A 186 -10.97 -3.92 -16.48
N ASP A 187 -9.68 -3.80 -16.09
CA ASP A 187 -8.79 -4.93 -15.82
C ASP A 187 -8.62 -5.19 -14.32
N ASP A 188 -9.34 -6.20 -13.79
CA ASP A 188 -9.35 -6.61 -12.37
C ASP A 188 -8.54 -7.90 -12.08
N ARG A 189 -7.51 -8.16 -12.90
CA ARG A 189 -6.78 -9.43 -12.82
C ARG A 189 -5.76 -9.57 -11.68
N ASP A 190 -5.06 -8.51 -11.24
CA ASP A 190 -4.11 -8.70 -10.13
C ASP A 190 -4.58 -7.93 -8.88
N SER A 191 -5.90 -7.97 -8.65
CA SER A 191 -6.60 -7.30 -7.56
C SER A 191 -6.44 -8.00 -6.20
N PRO A 192 -5.95 -7.29 -5.14
CA PRO A 192 -5.86 -7.92 -3.82
C PRO A 192 -7.25 -7.97 -3.15
N VAL A 193 -8.02 -8.98 -3.55
CA VAL A 193 -9.45 -9.21 -3.23
C VAL A 193 -9.76 -9.25 -1.71
N PHE A 194 -8.82 -9.72 -0.89
CA PHE A 194 -8.97 -9.79 0.57
C PHE A 194 -8.77 -8.42 1.23
N TRP A 195 -8.43 -7.39 0.41
CA TRP A 195 -8.27 -6.00 0.88
C TRP A 195 -9.34 -5.06 0.29
N TYR A 196 -10.21 -5.57 -0.66
CA TYR A 196 -11.20 -4.77 -1.38
C TYR A 196 -12.56 -4.67 -0.75
N ALA A 197 -13.15 -3.49 -0.90
CA ALA A 197 -14.45 -3.16 -0.37
C ALA A 197 -15.51 -3.89 -1.19
N PRO A 198 -16.71 -4.17 -0.64
CA PRO A 198 -17.72 -4.90 -1.46
C PRO A 198 -18.08 -4.27 -2.80
N GLU A 199 -18.07 -2.93 -2.94
CA GLU A 199 -18.36 -2.26 -4.22
C GLU A 199 -17.32 -2.55 -5.29
N CYS A 200 -16.04 -2.73 -4.89
CA CYS A 200 -14.91 -3.06 -5.77
C CYS A 200 -15.04 -4.49 -6.20
N LEU A 201 -15.51 -5.36 -5.30
CA LEU A 201 -15.70 -6.77 -5.62
C LEU A 201 -16.93 -7.03 -6.50
N MET A 202 -18.02 -6.29 -6.24
CA MET A 202 -19.30 -6.43 -6.94
C MET A 202 -19.40 -5.68 -8.26
N GLN A 203 -18.86 -4.46 -8.34
CA GLN A 203 -19.00 -3.63 -9.56
C GLN A 203 -17.69 -3.00 -10.10
N SER A 204 -16.52 -3.38 -9.52
CA SER A 204 -15.18 -2.80 -9.83
C SER A 204 -15.19 -1.24 -9.68
N LYS A 205 -16.02 -0.72 -8.72
CA LYS A 205 -16.20 0.71 -8.46
C LYS A 205 -15.23 1.17 -7.36
N PHE A 206 -14.31 2.09 -7.71
CA PHE A 206 -13.31 2.56 -6.75
C PHE A 206 -13.51 4.00 -6.35
N TYR A 207 -13.90 4.17 -5.09
CA TYR A 207 -14.10 5.44 -4.43
C TYR A 207 -12.90 5.67 -3.49
N ILE A 208 -12.81 6.87 -2.88
CA ILE A 208 -11.78 7.19 -1.88
C ILE A 208 -12.11 6.35 -0.63
N ALA A 209 -13.42 6.02 -0.43
CA ALA A 209 -13.92 5.17 0.66
C ALA A 209 -13.43 3.73 0.47
N SER A 210 -13.13 3.31 -0.80
CA SER A 210 -12.62 1.98 -1.07
C SER A 210 -11.21 1.87 -0.50
N ASP A 211 -10.43 2.97 -0.57
CA ASP A 211 -9.09 3.13 0.02
C ASP A 211 -9.18 3.20 1.54
N VAL A 212 -10.33 3.67 2.07
CA VAL A 212 -10.56 3.69 3.52
C VAL A 212 -10.80 2.25 3.99
N TRP A 213 -11.57 1.48 3.21
CA TRP A 213 -11.80 0.05 3.49
C TRP A 213 -10.45 -0.71 3.52
N SER A 214 -9.62 -0.50 2.47
CA SER A 214 -8.30 -1.14 2.37
C SER A 214 -7.37 -0.73 3.49
N PHE A 215 -7.53 0.51 4.02
CA PHE A 215 -6.73 0.99 5.12
C PHE A 215 -7.00 0.13 6.36
N GLY A 216 -8.27 -0.19 6.62
CA GLY A 216 -8.67 -1.01 7.76
C GLY A 216 -8.01 -2.38 7.71
N VAL A 217 -7.83 -2.91 6.50
CA VAL A 217 -7.20 -4.21 6.30
C VAL A 217 -5.69 -4.09 6.55
N THR A 218 -5.07 -2.98 6.08
CA THR A 218 -3.66 -2.62 6.26
C THR A 218 -3.39 -2.40 7.77
N LEU A 219 -4.37 -1.84 8.49
CA LEU A 219 -4.36 -1.57 9.93
C LEU A 219 -4.26 -2.88 10.73
N HIS A 220 -5.04 -3.89 10.32
CA HIS A 220 -5.12 -5.24 10.85
C HIS A 220 -3.78 -5.95 10.74
N GLU A 221 -3.14 -5.85 9.55
CA GLU A 221 -1.81 -6.43 9.26
C GLU A 221 -0.79 -5.84 10.22
N LEU A 222 -0.76 -4.51 10.31
CA LEU A 222 0.13 -3.69 11.13
C LEU A 222 0.08 -4.12 12.63
N LEU A 223 -1.16 -4.25 13.21
CA LEU A 223 -1.44 -4.68 14.59
C LEU A 223 -1.16 -6.15 14.82
N THR A 224 -0.90 -6.92 13.75
CA THR A 224 -0.61 -8.36 13.75
C THR A 224 0.87 -8.59 13.37
N TYR A 225 1.60 -7.47 13.18
CA TYR A 225 3.01 -7.39 12.80
C TYR A 225 3.23 -8.11 11.47
N CYS A 226 2.21 -8.08 10.59
CA CYS A 226 2.16 -8.76 9.29
C CYS A 226 2.46 -10.26 9.40
N ASP A 227 1.80 -10.97 10.35
CA ASP A 227 2.00 -12.42 10.53
C ASP A 227 1.31 -13.20 9.40
N SER A 228 2.05 -14.12 8.79
CA SER A 228 1.65 -14.98 7.66
C SER A 228 0.43 -15.83 7.95
N ASP A 229 0.43 -16.52 9.14
CA ASP A 229 -0.65 -17.41 9.58
C ASP A 229 -1.95 -16.68 9.96
N SER A 230 -1.88 -15.37 10.20
CA SER A 230 -3.05 -14.57 10.51
C SER A 230 -3.19 -13.41 9.55
N SER A 231 -2.76 -13.62 8.28
CA SER A 231 -2.82 -12.65 7.18
C SER A 231 -4.30 -12.44 6.82
N PRO A 232 -4.69 -11.29 6.21
CA PRO A 232 -6.12 -11.10 5.90
C PRO A 232 -6.69 -12.18 4.99
N MET A 233 -5.87 -12.69 4.03
CA MET A 233 -6.26 -13.79 3.14
C MET A 233 -6.59 -15.05 3.95
N ALA A 234 -5.67 -15.49 4.84
CA ALA A 234 -5.84 -16.66 5.68
C ALA A 234 -6.95 -16.52 6.71
N LEU A 235 -7.16 -15.32 7.27
CA LEU A 235 -8.24 -15.13 8.25
C LEU A 235 -9.62 -15.23 7.59
N PHE A 236 -9.71 -14.82 6.32
CA PHE A 236 -10.93 -14.89 5.53
C PHE A 236 -11.19 -16.30 4.98
N LEU A 237 -10.13 -17.05 4.57
CA LEU A 237 -10.29 -18.43 4.09
C LEU A 237 -10.80 -19.37 5.18
N LYS A 238 -10.48 -19.08 6.45
CA LYS A 238 -10.93 -19.84 7.59
C LYS A 238 -12.38 -19.50 7.87
N MET A 239 -12.78 -18.23 7.58
CA MET A 239 -14.14 -17.69 7.76
C MET A 239 -15.14 -18.21 6.71
N ILE A 240 -14.73 -18.22 5.42
CA ILE A 240 -15.58 -18.57 4.27
C ILE A 240 -15.50 -20.05 3.83
N GLY A 241 -14.36 -20.69 4.09
CA GLY A 241 -14.08 -22.03 3.64
C GLY A 241 -13.01 -21.98 2.58
N PRO A 242 -11.96 -22.82 2.68
CA PRO A 242 -10.85 -22.72 1.71
C PRO A 242 -11.01 -23.50 0.38
N THR A 243 -12.11 -24.28 0.21
CA THR A 243 -12.31 -25.13 -0.97
C THR A 243 -13.45 -24.64 -1.91
N HIS A 244 -13.50 -23.35 -2.17
CA HIS A 244 -14.53 -22.85 -3.06
C HIS A 244 -14.01 -22.42 -4.44
N GLY A 245 -12.72 -22.59 -4.70
CA GLY A 245 -12.08 -22.27 -5.97
C GLY A 245 -12.37 -20.88 -6.49
N GLN A 246 -13.10 -20.83 -7.61
CA GLN A 246 -13.51 -19.62 -8.32
C GLN A 246 -14.80 -18.98 -7.76
N MET A 247 -15.33 -19.58 -6.68
CA MET A 247 -16.54 -19.13 -5.96
C MET A 247 -16.19 -18.32 -4.73
N THR A 248 -14.90 -18.20 -4.46
CA THR A 248 -14.31 -17.55 -3.30
C THR A 248 -14.70 -16.08 -3.18
N VAL A 249 -14.62 -15.30 -4.26
CA VAL A 249 -14.98 -13.88 -4.21
C VAL A 249 -16.46 -13.69 -3.89
N THR A 250 -17.34 -14.50 -4.51
CA THR A 250 -18.79 -14.48 -4.29
C THR A 250 -19.09 -14.76 -2.81
N ARG A 251 -18.50 -15.80 -2.25
CA ARG A 251 -18.62 -16.19 -0.84
C ARG A 251 -17.95 -15.16 0.10
N LEU A 252 -16.88 -14.49 -0.36
CA LEU A 252 -16.26 -13.40 0.38
C LEU A 252 -17.30 -12.25 0.43
N VAL A 253 -17.97 -11.95 -0.70
CA VAL A 253 -19.04 -10.93 -0.72
C VAL A 253 -20.24 -11.38 0.14
N ASN A 254 -20.50 -12.71 0.19
CA ASN A 254 -21.60 -13.30 0.98
C ASN A 254 -21.44 -13.08 2.47
N THR A 255 -20.21 -13.20 2.95
CA THR A 255 -19.86 -13.07 4.36
C THR A 255 -19.78 -11.57 4.74
N LEU A 256 -19.26 -10.69 3.86
CA LEU A 256 -19.26 -9.24 4.07
C LEU A 256 -20.71 -8.72 4.19
N LYS A 257 -21.62 -9.26 3.35
CA LYS A 257 -23.05 -8.91 3.35
C LYS A 257 -23.71 -9.29 4.67
N GLU A 258 -23.40 -10.49 5.20
CA GLU A 258 -23.93 -11.03 6.45
C GLU A 258 -23.65 -10.14 7.64
N GLY A 259 -22.50 -9.45 7.59
CA GLY A 259 -22.02 -8.52 8.61
C GLY A 259 -20.70 -8.95 9.23
N LYS A 260 -20.14 -10.08 8.75
CA LYS A 260 -18.89 -10.68 9.22
C LYS A 260 -17.67 -9.92 8.74
N ARG A 261 -16.71 -9.67 9.67
CA ARG A 261 -15.48 -8.91 9.44
C ARG A 261 -14.28 -9.64 9.99
N LEU A 262 -13.06 -9.14 9.69
CA LEU A 262 -11.80 -9.69 10.23
C LEU A 262 -11.80 -9.61 11.76
N PRO A 263 -11.30 -10.66 12.50
CA PRO A 263 -11.36 -10.62 13.98
C PRO A 263 -10.40 -9.59 14.62
N CYS A 264 -10.58 -9.31 15.92
CA CYS A 264 -9.71 -8.37 16.61
C CYS A 264 -8.30 -8.95 16.75
N PRO A 265 -7.26 -8.17 16.39
CA PRO A 265 -5.89 -8.68 16.50
C PRO A 265 -5.52 -8.94 17.96
N PRO A 266 -4.73 -10.01 18.25
CA PRO A 266 -4.36 -10.27 19.66
C PRO A 266 -3.56 -9.12 20.25
N ASN A 267 -3.90 -8.76 21.49
CA ASN A 267 -3.34 -7.66 22.27
C ASN A 267 -3.73 -6.27 21.70
N CYS A 268 -4.77 -6.19 20.82
CA CYS A 268 -5.24 -4.90 20.27
C CYS A 268 -6.45 -4.38 21.05
N PRO A 269 -6.35 -3.20 21.71
CA PRO A 269 -7.51 -2.67 22.45
C PRO A 269 -8.72 -2.48 21.57
N ASP A 270 -9.90 -2.73 22.15
CA ASP A 270 -11.20 -2.64 21.49
C ASP A 270 -11.44 -1.30 20.78
N GLU A 271 -10.96 -0.17 21.34
CA GLU A 271 -11.15 1.16 20.72
C GLU A 271 -10.31 1.37 19.44
N VAL A 272 -9.18 0.66 19.30
CA VAL A 272 -8.39 0.70 18.07
C VAL A 272 -9.14 -0.20 17.06
N TYR A 273 -9.67 -1.35 17.56
CA TYR A 273 -10.49 -2.26 16.76
C TYR A 273 -11.81 -1.60 16.29
N GLN A 274 -12.34 -0.61 17.07
CA GLN A 274 -13.57 0.13 16.74
C GLN A 274 -13.33 1.09 15.58
N LEU A 275 -12.13 1.70 15.53
CA LEU A 275 -11.69 2.63 14.48
C LEU A 275 -11.51 1.89 13.17
N MET A 276 -11.15 0.59 13.27
CA MET A 276 -10.92 -0.35 12.17
C MET A 276 -12.29 -0.79 11.61
N ARG A 277 -13.23 -1.15 12.51
CA ARG A 277 -14.62 -1.52 12.20
C ARG A 277 -15.33 -0.40 11.44
N LYS A 278 -14.92 0.87 11.66
CA LYS A 278 -15.55 2.01 10.94
C LYS A 278 -15.07 2.13 9.50
N CYS A 279 -13.94 1.48 9.14
CA CYS A 279 -13.38 1.42 7.79
C CYS A 279 -14.18 0.39 6.98
N TRP A 280 -14.86 -0.53 7.67
CA TRP A 280 -15.57 -1.62 7.04
C TRP A 280 -17.09 -1.54 7.11
N GLU A 281 -17.64 -0.31 7.06
CA GLU A 281 -19.08 -0.14 7.00
C GLU A 281 -19.41 -0.48 5.55
N PHE A 282 -20.27 -1.49 5.32
CA PHE A 282 -20.62 -1.98 3.98
C PHE A 282 -20.82 -0.87 2.97
N GLN A 283 -21.59 0.19 3.33
CA GLN A 283 -21.87 1.30 2.42
C GLN A 283 -20.71 2.29 2.36
N PRO A 284 -20.15 2.61 1.16
CA PRO A 284 -19.03 3.59 1.08
C PRO A 284 -19.21 4.88 1.89
N SER A 285 -20.47 5.41 1.97
CA SER A 285 -20.85 6.63 2.69
C SER A 285 -20.88 6.50 4.23
N ASN A 286 -21.18 5.30 4.76
CA ASN A 286 -21.18 5.10 6.21
C ASN A 286 -19.76 5.02 6.80
N ARG A 287 -18.72 4.82 5.94
CA ARG A 287 -17.31 4.74 6.35
C ARG A 287 -16.74 6.11 6.69
N THR A 288 -15.82 6.13 7.67
CA THR A 288 -15.08 7.32 8.12
C THR A 288 -14.15 7.82 7.00
N SER A 289 -13.68 9.08 7.09
CA SER A 289 -12.73 9.59 6.09
C SER A 289 -11.35 9.43 6.71
N PHE A 290 -10.27 9.69 5.94
CA PHE A 290 -8.92 9.60 6.49
C PHE A 290 -8.66 10.68 7.56
N GLN A 291 -9.18 11.92 7.34
CA GLN A 291 -9.10 13.09 8.25
C GLN A 291 -9.64 12.75 9.61
N ASN A 292 -10.73 11.97 9.60
CA ASN A 292 -11.49 11.52 10.76
C ASN A 292 -10.80 10.39 11.49
N LEU A 293 -10.06 9.55 10.76
CA LEU A 293 -9.29 8.43 11.28
C LEU A 293 -8.06 9.01 11.99
N ILE A 294 -7.50 10.11 11.41
CA ILE A 294 -6.34 10.84 11.93
C ILE A 294 -6.68 11.36 13.31
N GLU A 295 -7.86 12.05 13.43
CA GLU A 295 -8.41 12.57 14.69
C GLU A 295 -8.59 11.44 15.68
N GLY A 296 -9.10 10.31 15.19
CA GLY A 296 -9.34 9.11 15.97
C GLY A 296 -8.10 8.60 16.67
N PHE A 297 -7.03 8.32 15.89
CA PHE A 297 -5.76 7.80 16.46
C PHE A 297 -5.04 8.85 17.34
N GLU A 298 -5.18 10.17 17.02
CA GLU A 298 -4.58 11.28 17.77
C GLU A 298 -5.12 11.37 19.19
N ALA A 299 -6.42 11.08 19.38
CA ALA A 299 -7.09 11.07 20.69
C ALA A 299 -6.56 9.91 21.54
N LEU A 300 -6.18 8.81 20.88
CA LEU A 300 -5.64 7.62 21.54
C LEU A 300 -4.16 7.75 21.88
N LEU A 301 -3.46 8.72 21.22
CA LEU A 301 -2.02 8.97 21.41
C LEU A 301 -1.67 9.97 22.51
N LYS A 302 -2.59 10.90 22.86
CA LYS A 302 -2.43 11.97 23.86
C LYS A 302 -1.68 11.58 25.15
#